data_4DM0
#
_entry.id   4DM0
#
_cell.length_a   112.378
_cell.length_b   112.378
_cell.length_c   232.783
_cell.angle_alpha   90.000
_cell.angle_beta   90.000
_cell.angle_gamma   120.000
#
_symmetry.space_group_name_H-M   'P 65 2 2'
#
loop_
_entity.id
_entity.type
_entity.pdbx_description
1 polymer 'Transposase for transposon Tn5'
2 polymer 'DNA TRANSFERRED STRAND'
3 polymer 'DNA NON-TRANSFERRED STRAND'
4 non-polymer 'MANGANESE (II) ION'
5 non-polymer 1,2-ETHANEDIOL
6 water water
#
loop_
_entity_poly.entity_id
_entity_poly.type
_entity_poly.pdbx_seq_one_letter_code
_entity_poly.pdbx_strand_id
1 'polypeptide(L)'
;MITSALHRAADWAKSVFSSAALGDPRRTARLVNVAAQLAKYSGKSITISSEGSKAAQEGAYRFIRNPNVSAEAIRKAGAM
QTVKLAQEFPELLAIEDTTSLSYRHQVAEELGKLGSIQDKSRGWWVHSVLLLEATTFRTVGLLHQEWWMRPDDPADADEK
ESGKWLAAAATSRLRMGSMMSNVIAVCDREADIHAYLQDKLAHNERFVVRSKHPRKDVESGLYLYDHLKNQPELGGYQIS
IPQKGVVDKRGKRKNRPARKASLSLRSGRITLKQGNITLNAVLAEEINPPKGETPLKWLLLTSEPVESLAQALRVIDIYT
HRWRIEEFHKAWKTGAGAERQRMEKPDNLERMVSILSFVAVRLLQLRESFTPPQALRAQGLLKEAEHVESQSAETVLTPD
ECQLLGYLDKGKRKRKEKAGSLQWAYMAIARLGGFMDSKRTGIASWGALWEGWEALQSKLDGFLAAKDLMAQGIKIG
;
A
2 'polydeoxyribonucleotide'
;(DG)(DA)(DC)(DT)(DT)(DG)(DT)(DG)(DT)(DA)(DT)(DA)(DA)(DG)(DA)(DG)(DT)(DC)(DA)(DG)
(DA)
;
B
3 'polydeoxyribonucleotide' (DC)(DT)(DG)(DA)(DC)(DT)(DC)(DT)(DT)(DA)(DT)(DA)(DC)(DA)(DC)(DA)(DA)(DG)(DT)(DC) C
#
loop_
_chem_comp.id
_chem_comp.type
_chem_comp.name
_chem_comp.formula
DA DNA linking 2'-DEOXYADENOSINE-5'-MONOPHOSPHATE 'C10 H14 N5 O6 P'
DC DNA linking 2'-DEOXYCYTIDINE-5'-MONOPHOSPHATE 'C9 H14 N3 O7 P'
DG DNA linking 2'-DEOXYGUANOSINE-5'-MONOPHOSPHATE 'C10 H14 N5 O7 P'
DT DNA linking THYMIDINE-5'-MONOPHOSPHATE 'C10 H15 N2 O8 P'
EDO non-polymer 1,2-ETHANEDIOL 'C2 H6 O2'
MN non-polymer 'MANGANESE (II) ION' 'Mn 2'
#
# COMPACT_ATOMS: atom_id res chain seq x y z
N THR A 3 10.68 -6.81 9.55
CA THR A 3 11.26 -5.57 8.95
C THR A 3 12.70 -5.81 8.48
N SER A 4 13.35 -6.83 9.05
CA SER A 4 14.75 -7.16 8.72
C SER A 4 14.86 -8.18 7.58
N ALA A 5 14.02 -9.22 7.62
CA ALA A 5 13.91 -10.21 6.52
C ALA A 5 13.14 -9.58 5.34
N LEU A 6 13.90 -9.12 4.34
CA LEU A 6 13.33 -8.31 3.25
C LEU A 6 14.14 -8.38 1.95
N HIS A 7 15.42 -8.05 2.04
CA HIS A 7 16.35 -8.03 0.88
C HIS A 7 16.58 -9.38 0.18
N ARG A 8 16.79 -10.44 0.97
CA ARG A 8 16.94 -11.79 0.43
C ARG A 8 15.56 -12.41 0.27
N ALA A 9 15.19 -12.72 -0.97
CA ALA A 9 13.82 -13.12 -1.31
C ALA A 9 13.35 -14.40 -0.62
N ALA A 10 14.26 -15.36 -0.50
CA ALA A 10 13.96 -16.63 0.16
C ALA A 10 13.65 -16.44 1.65
N ASP A 11 14.43 -15.59 2.32
CA ASP A 11 14.19 -15.28 3.73
C ASP A 11 12.88 -14.52 3.92
N TRP A 12 12.62 -13.55 3.04
CA TRP A 12 11.38 -12.80 3.08
C TRP A 12 10.17 -13.75 2.94
N ALA A 13 10.23 -14.63 1.95
CA ALA A 13 9.11 -15.56 1.69
C ALA A 13 8.82 -16.42 2.91
N LYS A 14 9.87 -17.02 3.46
CA LYS A 14 9.77 -17.81 4.68
C LYS A 14 9.09 -17.05 5.82
N SER A 15 9.52 -15.81 6.06
CA SER A 15 8.96 -15.02 7.17
C SER A 15 7.48 -14.73 6.93
N VAL A 16 7.11 -14.47 5.67
CA VAL A 16 5.73 -14.17 5.35
C VAL A 16 4.79 -15.39 5.37
N PHE A 17 5.25 -16.52 4.86
CA PHE A 17 4.33 -17.63 4.51
C PHE A 17 4.55 -18.98 5.21
N SER A 18 5.66 -19.12 5.94
CA SER A 18 6.07 -20.39 6.53
C SER A 18 5.08 -20.99 7.54
N SER A 19 4.14 -20.21 8.06
CA SER A 19 3.15 -20.77 8.98
C SER A 19 1.75 -20.79 8.40
N ALA A 20 1.67 -20.82 7.07
CA ALA A 20 0.41 -21.00 6.36
C ALA A 20 -0.21 -22.37 6.66
N ALA A 21 -1.49 -22.36 7.00
CA ALA A 21 -2.23 -23.56 7.35
C ALA A 21 -3.03 -24.06 6.14
N LEU A 22 -2.39 -24.88 5.33
CA LEU A 22 -2.93 -25.33 4.04
C LEU A 22 -3.31 -26.81 4.05
N GLY A 23 -3.08 -27.48 5.17
CA GLY A 23 -3.45 -28.88 5.35
C GLY A 23 -2.40 -29.92 4.98
N ASP A 24 -1.20 -29.45 4.63
CA ASP A 24 -0.07 -30.33 4.25
C ASP A 24 1.18 -29.48 4.25
N PRO A 25 2.18 -29.85 5.07
CA PRO A 25 3.40 -29.03 5.15
C PRO A 25 4.12 -28.90 3.80
N ARG A 26 3.84 -29.80 2.88
CA ARG A 26 4.44 -29.74 1.55
C ARG A 26 3.86 -28.55 0.77
N ARG A 27 2.54 -28.36 0.89
CA ARG A 27 1.88 -27.21 0.29
C ARG A 27 2.46 -25.89 0.82
N THR A 28 2.74 -25.86 2.13
CA THR A 28 3.32 -24.68 2.78
C THR A 28 4.75 -24.40 2.29
N ALA A 29 5.57 -25.44 2.25
CA ALA A 29 6.93 -25.33 1.72
C ALA A 29 6.93 -24.87 0.26
N ARG A 30 6.04 -25.44 -0.54
CA ARG A 30 5.95 -25.03 -1.94
C ARG A 30 5.55 -23.54 -2.06
N LEU A 31 4.63 -23.11 -1.20
CA LEU A 31 4.19 -21.71 -1.17
C LEU A 31 5.36 -20.77 -0.88
N VAL A 32 6.18 -21.17 0.09
CA VAL A 32 7.37 -20.41 0.45
C VAL A 32 8.28 -20.29 -0.78
N ASN A 33 8.55 -21.42 -1.43
CA ASN A 33 9.38 -21.43 -2.64
C ASN A 33 8.80 -20.63 -3.80
N VAL A 34 7.49 -20.77 -4.06
CA VAL A 34 6.83 -20.00 -5.12
C VAL A 34 6.92 -18.49 -4.83
N ALA A 35 6.61 -18.09 -3.61
CA ALA A 35 6.69 -16.69 -3.25
C ALA A 35 8.12 -16.14 -3.36
N ALA A 36 9.09 -16.98 -3.05
CA ALA A 36 10.51 -16.60 -3.13
C ALA A 36 10.95 -16.31 -4.56
N GLN A 37 10.63 -17.23 -5.47
CA GLN A 37 11.04 -17.03 -6.86
C GLN A 37 10.29 -15.85 -7.52
N LEU A 38 9.00 -15.70 -7.22
CA LEU A 38 8.24 -14.56 -7.69
C LEU A 38 8.82 -13.24 -7.18
N ALA A 39 9.21 -13.19 -5.90
CA ALA A 39 9.76 -11.94 -5.33
C ALA A 39 11.13 -11.61 -5.89
N LYS A 40 11.95 -12.64 -6.09
CA LYS A 40 13.25 -12.45 -6.70
C LYS A 40 13.08 -11.85 -8.09
N TYR A 41 12.06 -12.32 -8.82
CA TYR A 41 11.77 -11.81 -10.16
C TYR A 41 10.47 -11.02 -10.18
N SER A 42 10.35 -10.04 -9.27
CA SER A 42 9.12 -9.28 -9.12
C SER A 42 8.71 -8.68 -10.45
N GLY A 43 7.43 -8.81 -10.78
CA GLY A 43 6.90 -8.30 -12.04
C GLY A 43 6.94 -9.27 -13.20
N LYS A 44 7.65 -10.38 -13.01
CA LYS A 44 7.96 -11.30 -14.08
C LYS A 44 7.11 -12.56 -14.00
N SER A 45 7.00 -13.27 -15.12
CA SER A 45 6.18 -14.49 -15.21
C SER A 45 6.71 -15.64 -14.34
N ILE A 46 5.83 -16.58 -14.02
CA ILE A 46 6.20 -17.81 -13.32
C ILE A 46 7.40 -18.51 -13.99
N THR A 47 7.34 -18.61 -15.31
CA THR A 47 8.40 -19.28 -16.09
C THR A 47 9.75 -18.59 -15.94
N ILE A 48 9.78 -17.26 -16.11
CA ILE A 48 11.02 -16.49 -15.94
C ILE A 48 11.55 -16.72 -14.51
N SER A 49 10.64 -16.75 -13.55
CA SER A 49 11.01 -16.85 -12.14
C SER A 49 11.57 -18.24 -11.78
N SER A 50 11.38 -19.21 -12.66
CA SER A 50 11.78 -20.59 -12.40
C SER A 50 13.27 -20.85 -12.63
N GLU A 51 13.97 -19.86 -13.19
CA GLU A 51 15.42 -19.92 -13.40
C GLU A 51 15.85 -21.19 -14.11
N GLY A 52 15.06 -21.56 -15.12
CA GLY A 52 15.39 -22.71 -15.94
C GLY A 52 15.06 -24.04 -15.31
N SER A 53 14.58 -24.06 -14.07
CA SER A 53 14.24 -25.33 -13.43
C SER A 53 12.82 -25.79 -13.76
N LYS A 54 12.72 -26.88 -14.50
CA LYS A 54 11.44 -27.44 -14.93
C LYS A 54 10.64 -27.84 -13.71
N ALA A 55 11.36 -28.41 -12.73
CA ALA A 55 10.80 -28.81 -11.45
C ALA A 55 10.13 -27.65 -10.74
N ALA A 56 10.81 -26.50 -10.67
CA ALA A 56 10.23 -25.32 -10.03
C ALA A 56 9.04 -24.77 -10.81
N GLN A 57 9.12 -24.83 -12.13
CA GLN A 57 8.03 -24.38 -12.99
C GLN A 57 6.78 -25.24 -12.78
N GLU A 58 6.94 -26.56 -12.83
CA GLU A 58 5.81 -27.47 -12.63
C GLU A 58 5.26 -27.35 -11.22
N GLY A 59 6.16 -27.20 -10.24
CA GLY A 59 5.76 -27.03 -8.85
C GLY A 59 4.91 -25.78 -8.69
N ALA A 60 5.32 -24.69 -9.33
CA ALA A 60 4.60 -23.42 -9.22
C ALA A 60 3.21 -23.49 -9.84
N TYR A 61 3.12 -24.04 -11.05
CA TYR A 61 1.83 -24.16 -11.72
C TYR A 61 0.91 -25.13 -11.02
N ARG A 62 1.45 -26.25 -10.54
CA ARG A 62 0.64 -27.21 -9.80
C ARG A 62 0.09 -26.59 -8.53
N PHE A 63 0.88 -25.71 -7.91
CA PHE A 63 0.44 -25.10 -6.66
C PHE A 63 -0.75 -24.18 -6.91
N ILE A 64 -0.64 -23.31 -7.91
CA ILE A 64 -1.70 -22.32 -8.10
C ILE A 64 -3.01 -22.94 -8.60
N ARG A 65 -2.96 -24.18 -9.08
CA ARG A 65 -4.17 -24.84 -9.56
C ARG A 65 -4.56 -25.97 -8.61
N ASN A 66 -3.93 -26.00 -7.44
CA ASN A 66 -4.17 -27.04 -6.45
C ASN A 66 -5.49 -26.82 -5.69
N PRO A 67 -6.46 -27.74 -5.85
CA PRO A 67 -7.78 -27.57 -5.23
C PRO A 67 -7.75 -27.68 -3.70
N ASN A 68 -6.64 -28.14 -3.15
CA ASN A 68 -6.53 -28.26 -1.69
C ASN A 68 -5.87 -27.06 -1.05
N VAL A 69 -5.56 -26.06 -1.87
CA VAL A 69 -4.92 -24.85 -1.39
C VAL A 69 -5.92 -23.71 -1.36
N SER A 70 -6.21 -23.22 -0.16
CA SER A 70 -7.14 -22.12 0.02
C SER A 70 -6.44 -20.77 -0.14
N ALA A 71 -6.97 -19.94 -1.04
CA ALA A 71 -6.43 -18.58 -1.24
C ALA A 71 -6.58 -17.71 0.01
N GLU A 72 -7.72 -17.85 0.69
CA GLU A 72 -7.96 -17.20 1.98
C GLU A 72 -6.87 -17.54 2.99
N ALA A 73 -6.47 -18.81 3.04
CA ALA A 73 -5.42 -19.27 3.96
C ALA A 73 -4.04 -18.77 3.58
N ILE A 74 -3.81 -18.51 2.28
CA ILE A 74 -2.57 -17.87 1.87
C ILE A 74 -2.56 -16.44 2.41
N ARG A 75 -3.68 -15.73 2.26
CA ARG A 75 -3.73 -14.30 2.64
C ARG A 75 -3.65 -14.12 4.13
N LYS A 76 -4.32 -15.01 4.86
CA LYS A 76 -4.31 -14.99 6.31
C LYS A 76 -2.90 -15.18 6.86
N ALA A 77 -2.16 -16.14 6.31
CA ALA A 77 -0.79 -16.41 6.75
C ALA A 77 0.05 -15.15 6.66
N GLY A 78 -0.03 -14.47 5.51
CA GLY A 78 0.71 -13.23 5.31
C GLY A 78 0.26 -12.14 6.28
N ALA A 79 -1.05 -12.07 6.51
CA ALA A 79 -1.62 -11.09 7.42
C ALA A 79 -1.15 -11.30 8.87
N MET A 80 -1.03 -12.57 9.28
CA MET A 80 -0.59 -12.90 10.65
C MET A 80 0.86 -12.50 10.85
N GLN A 81 1.62 -12.44 9.77
CA GLN A 81 2.99 -11.95 9.82
C GLN A 81 3.00 -10.43 10.02
N THR A 82 2.03 -9.76 9.39
CA THR A 82 1.87 -8.32 9.58
C THR A 82 1.58 -8.02 11.05
N VAL A 83 0.61 -8.76 11.62
CA VAL A 83 0.27 -8.66 13.04
C VAL A 83 1.51 -8.83 13.93
N LYS A 84 2.32 -9.83 13.61
CA LYS A 84 3.55 -10.12 14.33
C LYS A 84 4.49 -8.91 14.33
N LEU A 85 4.75 -8.35 13.15
CA LEU A 85 5.62 -7.17 13.04
C LEU A 85 5.04 -5.93 13.71
N ALA A 86 3.71 -5.83 13.72
CA ALA A 86 3.02 -4.69 14.31
C ALA A 86 3.24 -4.52 15.83
N GLN A 87 3.63 -5.62 16.49
CA GLN A 87 3.95 -5.59 17.91
C GLN A 87 5.02 -4.56 18.27
N GLU A 88 5.94 -4.32 17.34
CA GLU A 88 7.05 -3.39 17.53
C GLU A 88 6.63 -1.90 17.66
N PHE A 89 5.41 -1.55 17.26
CA PHE A 89 5.03 -0.14 17.13
C PHE A 89 3.92 0.37 18.06
N PRO A 90 4.12 1.56 18.67
CA PRO A 90 3.14 2.09 19.61
C PRO A 90 1.92 2.71 18.93
N GLU A 91 2.04 3.09 17.65
CA GLU A 91 0.89 3.61 16.91
C GLU A 91 0.91 3.15 15.46
N LEU A 92 -0.25 2.75 14.96
CA LEU A 92 -0.37 2.28 13.58
C LEU A 92 -1.51 2.97 12.83
N LEU A 93 -1.35 3.10 11.52
CA LEU A 93 -2.41 3.53 10.63
C LEU A 93 -2.84 2.37 9.77
N ALA A 94 -4.14 2.13 9.70
CA ALA A 94 -4.70 1.06 8.88
C ALA A 94 -5.46 1.68 7.71
N ILE A 95 -4.74 1.91 6.61
CA ILE A 95 -5.33 2.48 5.41
C ILE A 95 -6.22 1.44 4.76
N GLU A 96 -7.43 1.85 4.41
CA GLU A 96 -8.43 0.92 3.90
C GLU A 96 -9.09 1.47 2.64
N ASP A 97 -9.18 0.63 1.60
CA ASP A 97 -9.78 1.05 0.33
C ASP A 97 -10.02 -0.17 -0.56
N THR A 98 -10.72 0.07 -1.68
CA THR A 98 -11.10 -0.97 -2.61
C THR A 98 -10.42 -0.73 -3.96
N THR A 99 -10.00 -1.81 -4.61
CA THR A 99 -9.57 -1.76 -6.00
C THR A 99 -10.29 -2.86 -6.79
N SER A 100 -10.20 -2.79 -8.11
CA SER A 100 -10.65 -3.89 -8.94
C SER A 100 -9.45 -4.62 -9.55
N LEU A 101 -9.63 -5.91 -9.84
CA LEU A 101 -8.70 -6.68 -10.64
C LEU A 101 -9.45 -7.08 -11.89
N SER A 102 -9.00 -6.57 -13.03
CA SER A 102 -9.73 -6.61 -14.28
C SER A 102 -9.09 -7.56 -15.30
N TYR A 103 -9.90 -8.42 -15.89
CA TYR A 103 -9.43 -9.42 -16.86
C TYR A 103 -10.36 -9.46 -18.06
N ARG A 104 -9.81 -9.84 -19.22
CA ARG A 104 -10.56 -9.86 -20.48
C ARG A 104 -10.37 -11.15 -21.26
N HIS A 105 -9.58 -12.08 -20.74
CA HIS A 105 -9.43 -13.38 -21.41
C HIS A 105 -10.62 -14.33 -21.08
N GLN A 106 -10.61 -15.57 -21.57
CA GLN A 106 -11.81 -16.43 -21.47
C GLN A 106 -12.40 -16.45 -20.07
N VAL A 107 -11.52 -16.59 -19.07
CA VAL A 107 -11.92 -16.73 -17.67
C VAL A 107 -12.81 -15.58 -17.19
N ALA A 108 -12.67 -14.41 -17.81
CA ALA A 108 -13.50 -13.26 -17.46
C ALA A 108 -14.98 -13.63 -17.37
N GLU A 109 -15.45 -14.47 -18.30
CA GLU A 109 -16.84 -15.00 -18.28
C GLU A 109 -17.24 -15.49 -16.91
N GLU A 110 -16.32 -16.14 -16.21
CA GLU A 110 -16.60 -16.71 -14.90
C GLU A 110 -16.38 -15.71 -13.77
N LEU A 111 -15.92 -14.50 -14.08
CA LEU A 111 -15.68 -13.52 -13.04
C LEU A 111 -16.86 -12.55 -12.90
N GLY A 112 -16.75 -11.62 -11.95
CA GLY A 112 -17.84 -10.72 -11.63
C GLY A 112 -17.81 -9.42 -12.40
N LYS A 113 -18.94 -8.73 -12.37
CA LYS A 113 -19.11 -7.46 -13.05
C LYS A 113 -18.26 -6.34 -12.43
N LEU A 114 -17.63 -5.54 -13.29
CA LEU A 114 -16.90 -4.37 -12.86
C LEU A 114 -17.52 -3.08 -13.39
N GLY A 115 -18.01 -3.11 -14.62
CA GLY A 115 -18.66 -1.95 -15.24
C GLY A 115 -20.08 -2.28 -15.64
N SER A 116 -20.38 -2.17 -16.93
CA SER A 116 -21.68 -2.55 -17.47
C SER A 116 -21.78 -4.07 -17.54
N ILE A 117 -23.02 -4.57 -17.65
CA ILE A 117 -23.28 -5.99 -17.90
C ILE A 117 -22.64 -6.46 -19.22
N GLN A 118 -22.54 -5.55 -20.19
CA GLN A 118 -21.98 -5.84 -21.51
C GLN A 118 -20.45 -5.78 -21.57
N ASP A 119 -19.83 -5.13 -20.58
CA ASP A 119 -18.37 -5.02 -20.49
C ASP A 119 -17.64 -6.35 -20.64
N LYS A 120 -16.60 -6.34 -21.46
CA LYS A 120 -15.76 -7.53 -21.61
C LYS A 120 -14.85 -7.67 -20.40
N SER A 121 -14.52 -6.54 -19.77
CA SER A 121 -13.65 -6.54 -18.59
C SER A 121 -14.43 -6.96 -17.37
N ARG A 122 -14.00 -8.07 -16.78
CA ARG A 122 -14.65 -8.61 -15.59
C ARG A 122 -13.56 -9.02 -14.60
N GLY A 123 -13.96 -9.26 -13.35
CA GLY A 123 -12.99 -9.59 -12.32
C GLY A 123 -13.54 -9.55 -10.92
N TRP A 124 -12.68 -9.20 -9.98
CA TRP A 124 -13.02 -9.13 -8.57
C TRP A 124 -12.94 -7.68 -8.11
N TRP A 125 -13.74 -7.35 -7.11
CA TRP A 125 -13.43 -6.22 -6.26
C TRP A 125 -12.66 -6.73 -5.04
N VAL A 126 -11.63 -6.01 -4.66
CA VAL A 126 -10.85 -6.39 -3.50
C VAL A 126 -10.76 -5.22 -2.53
N HIS A 127 -11.21 -5.46 -1.30
CA HIS A 127 -11.15 -4.45 -0.26
C HIS A 127 -10.01 -4.78 0.69
N SER A 128 -9.05 -3.86 0.81
CA SER A 128 -7.79 -4.14 1.52
C SER A 128 -7.55 -3.21 2.69
N VAL A 129 -6.92 -3.76 3.73
CA VAL A 129 -6.42 -2.96 4.82
C VAL A 129 -4.90 -3.05 4.83
N LEU A 130 -4.25 -1.89 4.71
CA LEU A 130 -2.78 -1.80 4.73
C LEU A 130 -2.26 -1.08 5.97
N LEU A 131 -1.39 -1.75 6.73
CA LEU A 131 -0.84 -1.21 7.97
C LEU A 131 0.44 -0.42 7.77
N LEU A 132 0.45 0.81 8.29
CA LEU A 132 1.66 1.62 8.37
C LEU A 132 1.98 1.87 9.82
N GLU A 133 3.26 2.10 10.16
CA GLU A 133 3.57 2.60 11.50
C GLU A 133 3.45 4.10 11.44
N ALA A 134 2.84 4.70 12.46
CA ALA A 134 2.41 6.11 12.37
C ALA A 134 3.46 7.12 12.83
N THR A 135 4.65 6.63 13.19
CA THR A 135 5.74 7.52 13.56
C THR A 135 6.48 8.00 12.31
N THR A 136 6.99 7.07 11.51
CA THR A 136 7.68 7.44 10.27
C THR A 136 6.98 6.93 9.02
N PHE A 137 5.78 6.35 9.19
CA PHE A 137 4.91 5.95 8.08
C PHE A 137 5.46 4.84 7.17
N ARG A 138 6.37 4.04 7.68
CA ARG A 138 6.80 2.84 6.96
C ARG A 138 5.66 1.85 6.84
N THR A 139 5.66 1.09 5.74
CA THR A 139 4.67 0.08 5.47
C THR A 139 5.01 -1.18 6.25
N VAL A 140 4.05 -1.61 7.08
CA VAL A 140 4.22 -2.79 7.91
C VAL A 140 3.70 -4.03 7.17
N GLY A 141 2.57 -3.90 6.49
CA GLY A 141 2.04 -4.98 5.68
C GLY A 141 0.52 -5.04 5.58
N LEU A 142 0.05 -6.01 4.81
CA LEU A 142 -1.39 -6.24 4.65
C LEU A 142 -1.96 -6.85 5.91
N LEU A 143 -3.12 -6.36 6.33
CA LEU A 143 -3.84 -6.90 7.47
C LEU A 143 -5.08 -7.71 7.05
N HIS A 144 -5.68 -7.33 5.94
CA HIS A 144 -6.93 -7.91 5.50
C HIS A 144 -7.20 -7.60 4.02
N GLN A 145 -7.80 -8.59 3.36
CA GLN A 145 -8.36 -8.41 2.04
C GLN A 145 -9.66 -9.18 1.99
N GLU A 146 -10.71 -8.53 1.51
CA GLU A 146 -11.92 -9.24 1.11
C GLU A 146 -12.06 -9.16 -0.41
N TRP A 147 -12.15 -10.34 -1.03
CA TRP A 147 -12.37 -10.49 -2.46
C TRP A 147 -13.82 -10.89 -2.68
N TRP A 148 -14.49 -10.26 -3.63
CA TRP A 148 -15.82 -10.73 -4.02
C TRP A 148 -16.05 -10.45 -5.48
N MET A 149 -17.04 -11.15 -6.05
CA MET A 149 -17.48 -10.94 -7.41
C MET A 149 -18.85 -10.26 -7.38
N ARG A 150 -18.97 -9.13 -8.06
CA ARG A 150 -20.25 -8.46 -8.19
C ARG A 150 -21.09 -9.20 -9.23
N PRO A 151 -22.32 -9.60 -8.87
CA PRO A 151 -23.20 -10.29 -9.83
C PRO A 151 -23.81 -9.29 -10.82
N ASP A 152 -24.07 -9.76 -12.03
CA ASP A 152 -24.70 -8.92 -13.06
C ASP A 152 -26.01 -8.28 -12.57
N ASP A 153 -26.79 -9.06 -11.82
CA ASP A 153 -28.04 -8.58 -11.26
C ASP A 153 -27.86 -8.22 -9.78
N PRO A 154 -27.99 -6.92 -9.43
CA PRO A 154 -27.80 -6.48 -8.04
C PRO A 154 -28.59 -7.35 -7.07
N ALA A 155 -29.76 -7.82 -7.53
CA ALA A 155 -30.66 -8.64 -6.72
C ALA A 155 -30.11 -10.01 -6.31
N ASP A 156 -29.09 -10.51 -7.02
CA ASP A 156 -28.46 -11.79 -6.68
C ASP A 156 -27.34 -11.67 -5.64
N ALA A 157 -27.03 -10.45 -5.20
CA ALA A 157 -26.00 -10.23 -4.19
C ALA A 157 -26.41 -10.79 -2.82
N ASP A 158 -25.49 -11.53 -2.20
CA ASP A 158 -25.74 -12.11 -0.88
CA ASP A 158 -25.73 -12.11 -0.87
C ASP A 158 -25.60 -11.09 0.26
N GLU A 159 -24.91 -9.97 -0.03
CA GLU A 159 -24.74 -8.89 0.93
C GLU A 159 -24.46 -7.57 0.21
N LYS A 160 -24.79 -6.46 0.85
CA LYS A 160 -24.53 -5.12 0.29
C LYS A 160 -23.03 -4.77 0.41
N GLU A 161 -22.52 -4.05 -0.59
CA GLU A 161 -21.09 -3.76 -0.69
C GLU A 161 -20.57 -2.75 0.35
N SER A 162 -21.47 -1.95 0.92
CA SER A 162 -21.10 -1.00 1.99
C SER A 162 -20.75 -1.74 3.29
N GLY A 163 -21.07 -3.04 3.34
CA GLY A 163 -20.70 -3.87 4.45
C GLY A 163 -19.19 -4.10 4.54
N LYS A 164 -18.47 -3.70 3.49
CA LYS A 164 -17.05 -4.03 3.37
C LYS A 164 -16.22 -3.35 4.47
N TRP A 165 -16.57 -2.11 4.81
CA TRP A 165 -15.86 -1.36 5.84
C TRP A 165 -16.01 -2.00 7.21
N LEU A 166 -17.21 -2.50 7.51
CA LEU A 166 -17.49 -3.21 8.76
C LEU A 166 -16.84 -4.59 8.81
N ALA A 167 -16.84 -5.29 7.67
CA ALA A 167 -16.20 -6.60 7.60
C ALA A 167 -14.67 -6.46 7.80
N ALA A 168 -14.09 -5.40 7.23
CA ALA A 168 -12.67 -5.14 7.41
C ALA A 168 -12.36 -4.83 8.88
N ALA A 169 -13.26 -4.09 9.54
CA ALA A 169 -13.08 -3.75 10.96
C ALA A 169 -13.14 -5.00 11.82
N ALA A 170 -14.10 -5.89 11.52
CA ALA A 170 -14.27 -7.12 12.29
C ALA A 170 -13.04 -8.02 12.18
N THR A 171 -12.44 -8.10 11.01
CA THR A 171 -11.27 -8.93 10.79
C THR A 171 -10.03 -8.30 11.45
N SER A 172 -9.90 -6.98 11.31
CA SER A 172 -8.79 -6.21 11.90
C SER A 172 -8.73 -6.41 13.42
N ARG A 173 -9.85 -6.10 14.06
CA ARG A 173 -10.16 -6.37 15.46
C ARG A 173 -9.70 -7.76 15.90
N LEU A 174 -10.10 -8.76 15.11
CA LEU A 174 -9.88 -10.15 15.48
C LEU A 174 -8.41 -10.54 15.40
N ARG A 175 -7.72 -10.03 14.39
CA ARG A 175 -6.34 -10.40 14.16
C ARG A 175 -5.35 -9.59 14.98
N MET A 176 -5.67 -8.32 15.21
CA MET A 176 -4.82 -7.44 16.02
C MET A 176 -5.02 -7.63 17.54
N GLY A 177 -6.15 -8.21 17.94
CA GLY A 177 -6.46 -8.40 19.36
C GLY A 177 -6.29 -7.11 20.15
N SER A 178 -5.58 -7.19 21.27
CA SER A 178 -5.30 -6.03 22.12
C SER A 178 -4.46 -4.93 21.43
N MET A 179 -3.88 -5.20 20.27
CA MET A 179 -3.14 -4.14 19.55
C MET A 179 -4.04 -3.16 18.82
N MET A 180 -5.33 -3.52 18.68
CA MET A 180 -6.30 -2.70 17.98
C MET A 180 -6.34 -1.26 18.49
N SER A 181 -6.13 -1.07 19.79
CA SER A 181 -6.18 0.27 20.37
C SER A 181 -5.04 1.18 19.88
N ASN A 182 -4.02 0.59 19.26
CA ASN A 182 -2.91 1.33 18.66
C ASN A 182 -3.18 1.74 17.21
N VAL A 183 -4.34 1.34 16.70
CA VAL A 183 -4.66 1.45 15.28
C VAL A 183 -5.68 2.55 14.95
N ILE A 184 -5.30 3.47 14.08
CA ILE A 184 -6.18 4.47 13.52
C ILE A 184 -6.54 4.05 12.08
N ALA A 185 -7.81 3.75 11.85
CA ALA A 185 -8.26 3.40 10.51
C ALA A 185 -8.37 4.67 9.68
N VAL A 186 -8.04 4.60 8.39
CA VAL A 186 -8.05 5.78 7.53
C VAL A 186 -8.75 5.45 6.22
N CYS A 187 -9.83 6.19 5.93
CA CYS A 187 -10.74 5.85 4.84
C CYS A 187 -11.25 7.11 4.14
N ASP A 188 -11.50 7.01 2.84
CA ASP A 188 -12.03 8.14 2.08
C ASP A 188 -13.54 8.32 2.28
N ARG A 189 -14.12 9.25 1.53
CA ARG A 189 -15.54 9.61 1.65
C ARG A 189 -16.55 8.48 1.50
N GLU A 190 -16.15 7.37 0.85
CA GLU A 190 -17.06 6.22 0.69
C GLU A 190 -17.34 5.50 2.00
N ALA A 191 -16.50 5.74 3.00
CA ALA A 191 -16.69 5.13 4.31
C ALA A 191 -17.50 6.03 5.23
N ASP A 192 -17.93 7.19 4.72
CA ASP A 192 -18.78 8.11 5.49
C ASP A 192 -20.20 7.54 5.58
N ILE A 193 -20.35 6.51 6.39
CA ILE A 193 -21.58 5.74 6.52
C ILE A 193 -21.87 5.70 8.01
N HIS A 194 -23.09 6.07 8.40
CA HIS A 194 -23.45 6.09 9.83
C HIS A 194 -23.12 4.77 10.53
N ALA A 195 -23.52 3.65 9.92
CA ALA A 195 -23.30 2.32 10.47
C ALA A 195 -21.83 2.02 10.70
N TYR A 196 -20.97 2.49 9.81
CA TYR A 196 -19.54 2.32 10.00
C TYR A 196 -19.00 3.14 11.18
N LEU A 197 -19.40 4.41 11.26
CA LEU A 197 -18.97 5.29 12.35
C LEU A 197 -19.42 4.74 13.71
N GLN A 198 -20.67 4.29 13.77
CA GLN A 198 -21.25 3.72 14.97
C GLN A 198 -20.49 2.48 15.45
N ASP A 199 -20.13 1.61 14.52
CA ASP A 199 -19.41 0.38 14.85
C ASP A 199 -18.03 0.67 15.43
N LYS A 200 -17.33 1.65 14.87
CA LYS A 200 -16.01 2.03 15.35
C LYS A 200 -16.09 2.62 16.75
N LEU A 201 -17.05 3.52 16.95
CA LEU A 201 -17.22 4.16 18.24
C LEU A 201 -17.71 3.18 19.30
N ALA A 202 -18.57 2.25 18.91
CA ALA A 202 -19.07 1.21 19.82
C ALA A 202 -17.93 0.33 20.36
N HIS A 203 -16.94 0.06 19.52
CA HIS A 203 -15.78 -0.75 19.91
C HIS A 203 -14.61 0.08 20.47
N ASN A 204 -14.84 1.37 20.70
CA ASN A 204 -13.79 2.29 21.14
C ASN A 204 -12.60 2.29 20.18
N GLU A 205 -12.91 2.13 18.90
CA GLU A 205 -11.86 2.05 17.89
C GLU A 205 -11.60 3.40 17.25
N ARG A 206 -10.40 3.55 16.70
CA ARG A 206 -9.93 4.84 16.24
C ARG A 206 -9.94 4.96 14.73
N PHE A 207 -10.20 6.17 14.23
CA PHE A 207 -10.40 6.38 12.80
C PHE A 207 -10.24 7.85 12.40
N VAL A 208 -9.86 8.06 11.14
CA VAL A 208 -9.98 9.36 10.46
C VAL A 208 -10.70 9.05 9.15
N VAL A 209 -11.90 9.61 8.96
CA VAL A 209 -12.73 9.33 7.80
C VAL A 209 -13.17 10.64 7.17
N ARG A 210 -12.97 10.78 5.86
CA ARG A 210 -13.38 12.01 5.20
C ARG A 210 -14.90 12.12 5.06
N SER A 211 -15.43 13.33 5.29
CA SER A 211 -16.87 13.58 5.25
C SER A 211 -17.38 13.85 3.83
N LYS A 212 -18.46 13.17 3.49
CA LYS A 212 -19.08 13.23 2.17
C LYS A 212 -20.49 13.80 2.26
N HIS A 213 -21.33 13.19 3.09
CA HIS A 213 -22.73 13.58 3.26
C HIS A 213 -22.89 14.63 4.34
N PRO A 214 -23.73 15.63 4.10
CA PRO A 214 -24.06 16.59 5.18
C PRO A 214 -24.80 15.89 6.32
N ARG A 215 -24.40 16.17 7.55
CA ARG A 215 -25.00 15.55 8.71
C ARG A 215 -25.24 16.64 9.70
N LYS A 216 -26.30 16.50 10.48
CA LYS A 216 -26.60 17.48 11.52
C LYS A 216 -25.83 17.14 12.79
N ASP A 217 -25.35 18.20 13.45
CA ASP A 217 -24.87 18.13 14.80
C ASP A 217 -26.07 18.46 15.71
N VAL A 218 -26.34 17.59 16.68
CA VAL A 218 -27.44 17.77 17.62
C VAL A 218 -27.34 19.08 18.41
N GLU A 219 -26.17 19.32 19.00
CA GLU A 219 -26.00 20.45 19.93
C GLU A 219 -26.24 21.81 19.27
N SER A 220 -25.84 21.97 18.02
CA SER A 220 -25.99 23.23 17.29
C SER A 220 -27.21 23.23 16.38
N GLY A 221 -27.68 22.05 15.98
CA GLY A 221 -28.76 21.92 15.02
C GLY A 221 -28.34 22.27 13.60
N LEU A 222 -27.04 22.41 13.38
CA LEU A 222 -26.49 22.76 12.07
C LEU A 222 -25.86 21.56 11.38
N TYR A 223 -25.71 21.66 10.06
CA TYR A 223 -24.83 20.76 9.33
C TYR A 223 -23.39 20.93 9.77
N LEU A 224 -22.62 19.84 9.73
CA LEU A 224 -21.25 19.84 10.25
C LEU A 224 -20.45 21.02 9.73
N TYR A 225 -20.44 21.18 8.41
CA TYR A 225 -19.72 22.27 7.78
C TYR A 225 -20.05 23.64 8.39
N ASP A 226 -21.34 23.95 8.50
CA ASP A 226 -21.79 25.25 9.03
C ASP A 226 -21.45 25.44 10.50
N HIS A 227 -21.50 24.36 11.28
CA HIS A 227 -21.12 24.39 12.68
C HIS A 227 -19.61 24.62 12.83
N LEU A 228 -18.82 23.93 11.99
CA LEU A 228 -17.37 24.05 12.05
C LEU A 228 -16.86 25.40 11.57
N LYS A 229 -17.54 25.97 10.57
CA LYS A 229 -17.21 27.32 10.10
C LYS A 229 -17.30 28.37 11.20
N ASN A 230 -18.21 28.15 12.15
CA ASN A 230 -18.37 29.01 13.32
C ASN A 230 -17.24 28.87 14.36
N GLN A 231 -16.59 27.72 14.39
CA GLN A 231 -15.54 27.48 15.37
C GLN A 231 -14.35 28.45 15.21
N PRO A 232 -13.74 28.86 16.33
CA PRO A 232 -12.57 29.74 16.26
C PRO A 232 -11.44 29.12 15.44
N GLU A 233 -10.78 29.95 14.64
CA GLU A 233 -9.60 29.54 13.89
C GLU A 233 -8.48 29.09 14.84
N LEU A 234 -7.97 27.89 14.61
CA LEU A 234 -6.87 27.36 15.41
C LEU A 234 -5.52 27.87 14.92
N GLY A 235 -5.46 28.26 13.66
CA GLY A 235 -4.23 28.62 12.99
C GLY A 235 -4.35 28.16 11.55
N GLY A 236 -3.22 28.18 10.83
CA GLY A 236 -3.24 27.72 9.45
C GLY A 236 -2.04 26.89 9.07
N TYR A 237 -2.03 26.45 7.81
CA TYR A 237 -0.84 25.88 7.19
C TYR A 237 -0.83 26.17 5.69
N GLN A 238 0.33 26.01 5.06
CA GLN A 238 0.44 26.17 3.62
C GLN A 238 0.87 24.86 3.00
N ILE A 239 0.32 24.54 1.83
CA ILE A 239 0.78 23.38 1.07
C ILE A 239 1.27 23.77 -0.32
N SER A 240 2.19 22.97 -0.86
CA SER A 240 2.63 23.08 -2.23
C SER A 240 2.00 21.97 -3.02
N ILE A 241 1.08 22.33 -3.91
CA ILE A 241 0.45 21.36 -4.81
C ILE A 241 1.31 21.32 -6.05
N PRO A 242 1.91 20.16 -6.35
CA PRO A 242 2.83 20.03 -7.50
C PRO A 242 2.13 19.94 -8.85
N GLN A 243 2.88 20.20 -9.93
CA GLN A 243 2.40 20.10 -11.29
C GLN A 243 2.07 18.65 -11.69
N LYS A 244 1.03 18.49 -12.51
CA LYS A 244 0.77 17.23 -13.21
C LYS A 244 -0.18 17.45 -14.38
N GLY A 245 -0.11 16.57 -15.37
CA GLY A 245 -1.13 16.50 -16.40
C GLY A 245 -2.39 15.83 -15.84
N VAL A 246 -3.54 16.19 -16.38
CA VAL A 246 -4.80 15.52 -16.02
C VAL A 246 -5.57 15.11 -17.26
N VAL A 247 -6.00 13.86 -17.28
CA VAL A 247 -6.90 13.34 -18.33
C VAL A 247 -8.21 12.95 -17.64
N ASP A 248 -9.32 13.53 -18.10
CA ASP A 248 -10.64 13.24 -17.50
C ASP A 248 -11.32 11.98 -18.07
N LYS A 249 -12.50 11.66 -17.54
CA LYS A 249 -13.28 10.47 -17.91
C LYS A 249 -13.50 10.28 -19.43
N ARG A 250 -13.93 11.35 -20.10
CA ARG A 250 -14.11 11.33 -21.56
C ARG A 250 -12.77 11.13 -22.30
N GLY A 251 -11.69 11.72 -21.76
CA GLY A 251 -10.35 11.60 -22.35
C GLY A 251 -9.68 12.92 -22.69
N LYS A 252 -10.26 14.03 -22.20
CA LYS A 252 -9.74 15.37 -22.46
C LYS A 252 -8.54 15.68 -21.56
N ARG A 253 -7.53 16.32 -22.15
CA ARG A 253 -6.27 16.58 -21.46
C ARG A 253 -6.11 18.04 -21.07
N LYS A 254 -5.74 18.27 -19.81
CA LYS A 254 -5.38 19.61 -19.35
C LYS A 254 -4.26 19.61 -18.32
N ASN A 255 -3.56 20.74 -18.21
CA ASN A 255 -2.50 20.87 -17.24
C ASN A 255 -3.04 21.28 -15.88
N ARG A 256 -2.45 20.74 -14.82
CA ARG A 256 -2.62 21.32 -13.50
C ARG A 256 -1.30 21.90 -12.99
N PRO A 257 -1.11 23.22 -13.13
CA PRO A 257 0.15 23.85 -12.75
C PRO A 257 0.40 23.71 -11.25
N ALA A 258 1.67 23.76 -10.85
CA ALA A 258 2.01 23.78 -9.43
C ALA A 258 1.41 25.03 -8.81
N ARG A 259 1.03 24.95 -7.54
CA ARG A 259 0.55 26.15 -6.83
C ARG A 259 0.67 25.98 -5.32
N LYS A 260 0.75 27.12 -4.65
CA LYS A 260 0.67 27.25 -3.19
C LYS A 260 -0.78 27.53 -2.79
N ALA A 261 -1.20 26.91 -1.70
CA ALA A 261 -2.51 27.19 -1.11
C ALA A 261 -2.34 27.37 0.38
N SER A 262 -3.05 28.35 0.93
CA SER A 262 -3.09 28.57 2.37
C SER A 262 -4.43 28.09 2.89
N LEU A 263 -4.40 27.29 3.95
CA LEU A 263 -5.62 26.77 4.55
C LEU A 263 -5.78 27.20 5.99
N SER A 264 -7.02 27.48 6.36
CA SER A 264 -7.36 27.72 7.76
C SER A 264 -7.85 26.42 8.38
N LEU A 265 -7.65 26.27 9.67
CA LEU A 265 -7.98 25.04 10.36
C LEU A 265 -8.91 25.30 11.56
N ARG A 266 -9.92 24.44 11.68
CA ARG A 266 -10.99 24.59 12.66
C ARG A 266 -11.43 23.21 13.08
N SER A 267 -11.79 23.06 14.34
CA SER A 267 -12.17 21.76 14.87
C SER A 267 -13.28 21.87 15.93
N GLY A 268 -13.83 20.72 16.31
CA GLY A 268 -14.81 20.67 17.39
C GLY A 268 -15.31 19.26 17.67
N ARG A 269 -15.90 19.10 18.85
CA ARG A 269 -16.62 17.89 19.20
C ARG A 269 -18.01 18.02 18.58
N ILE A 270 -18.52 16.93 18.04
CA ILE A 270 -19.85 16.92 17.43
C ILE A 270 -20.65 15.70 17.88
N THR A 271 -21.97 15.80 17.80
CA THR A 271 -22.86 14.70 18.11
C THR A 271 -23.85 14.56 16.96
N LEU A 272 -23.83 13.39 16.32
CA LEU A 272 -24.71 13.11 15.20
C LEU A 272 -26.11 12.81 15.68
N LYS A 273 -27.08 13.53 15.11
CA LYS A 273 -28.49 13.36 15.45
C LYS A 273 -28.91 11.89 15.44
N GLN A 274 -28.56 11.16 14.38
CA GLN A 274 -28.88 9.73 14.31
C GLN A 274 -27.94 8.88 15.16
N GLY A 275 -28.51 8.10 16.08
CA GLY A 275 -27.76 7.26 17.01
C GLY A 275 -27.23 7.99 18.24
N ASN A 276 -27.29 9.32 18.20
CA ASN A 276 -26.72 10.21 19.22
C ASN A 276 -25.26 9.88 19.57
N ILE A 277 -24.42 9.74 18.54
CA ILE A 277 -23.02 9.39 18.69
C ILE A 277 -22.10 10.61 18.61
N THR A 278 -21.10 10.63 19.47
CA THR A 278 -20.25 11.78 19.66
C THR A 278 -18.87 11.46 19.10
N LEU A 279 -18.26 12.44 18.43
CA LEU A 279 -16.93 12.27 17.85
C LEU A 279 -16.31 13.64 17.57
N ASN A 280 -15.10 13.65 17.03
CA ASN A 280 -14.49 14.91 16.63
C ASN A 280 -14.52 15.15 15.12
N ALA A 281 -14.36 16.41 14.74
CA ALA A 281 -14.29 16.79 13.36
C ALA A 281 -13.22 17.86 13.17
N VAL A 282 -12.57 17.82 12.02
CA VAL A 282 -11.65 18.87 11.61
C VAL A 282 -12.11 19.44 10.26
N LEU A 283 -12.07 20.76 10.13
CA LEU A 283 -12.33 21.41 8.85
C LEU A 283 -11.13 22.22 8.39
N ALA A 284 -10.55 21.81 7.25
CA ALA A 284 -9.53 22.60 6.59
C ALA A 284 -10.13 23.24 5.36
N GLU A 285 -10.01 24.57 5.26
CA GLU A 285 -10.56 25.31 4.14
C GLU A 285 -9.59 26.37 3.64
N GLU A 286 -9.50 26.49 2.33
CA GLU A 286 -8.59 27.42 1.69
C GLU A 286 -8.99 28.88 1.96
N ILE A 287 -8.01 29.67 2.39
CA ILE A 287 -8.15 31.12 2.48
C ILE A 287 -7.74 31.71 1.14
N ASN A 288 -8.50 32.69 0.65
CA ASN A 288 -8.25 33.35 -0.64
C ASN A 288 -7.92 32.38 -1.77
N PRO A 289 -8.91 31.60 -2.24
CA PRO A 289 -8.69 30.78 -3.43
C PRO A 289 -8.59 31.66 -4.68
N PRO A 290 -7.72 31.29 -5.64
CA PRO A 290 -7.66 32.06 -6.89
C PRO A 290 -9.04 32.10 -7.55
N LYS A 291 -9.34 33.20 -8.23
CA LYS A 291 -10.67 33.44 -8.83
C LYS A 291 -11.20 32.28 -9.68
N GLY A 292 -10.31 31.66 -10.47
CA GLY A 292 -10.68 30.54 -11.33
C GLY A 292 -10.27 29.17 -10.82
N GLU A 293 -10.67 28.86 -9.59
CA GLU A 293 -10.39 27.57 -8.98
C GLU A 293 -11.41 27.28 -7.88
N THR A 294 -11.71 26.00 -7.67
CA THR A 294 -12.55 25.57 -6.56
C THR A 294 -11.68 25.47 -5.29
N PRO A 295 -12.15 26.09 -4.17
CA PRO A 295 -11.36 26.11 -2.93
C PRO A 295 -11.10 24.71 -2.38
N LEU A 296 -9.89 24.47 -1.91
CA LEU A 296 -9.59 23.28 -1.14
C LEU A 296 -10.48 23.22 0.10
N LYS A 297 -11.00 22.04 0.39
CA LYS A 297 -11.88 21.83 1.52
C LYS A 297 -11.86 20.36 1.91
N TRP A 298 -11.42 20.10 3.14
CA TRP A 298 -11.48 18.77 3.73
C TRP A 298 -12.23 18.89 5.04
N LEU A 299 -13.25 18.06 5.21
CA LEU A 299 -13.90 17.91 6.51
C LEU A 299 -13.70 16.46 6.93
N LEU A 300 -12.92 16.25 8.00
CA LEU A 300 -12.58 14.91 8.47
C LEU A 300 -13.23 14.59 9.81
N LEU A 301 -13.81 13.40 9.90
CA LEU A 301 -14.43 12.90 11.11
C LEU A 301 -13.43 11.98 11.77
N THR A 302 -13.25 12.12 13.09
CA THR A 302 -12.24 11.35 13.78
C THR A 302 -12.55 11.07 15.24
N SER A 303 -11.91 10.04 15.76
CA SER A 303 -11.93 9.71 17.19
C SER A 303 -10.83 10.51 17.92
N GLU A 304 -9.87 11.02 17.15
CA GLU A 304 -8.66 11.60 17.70
C GLU A 304 -8.89 13.00 18.29
N PRO A 305 -8.01 13.40 19.23
CA PRO A 305 -8.11 14.76 19.78
C PRO A 305 -7.82 15.80 18.70
N VAL A 306 -8.49 16.94 18.80
CA VAL A 306 -8.45 17.98 17.77
C VAL A 306 -8.40 19.39 18.39
N GLU A 307 -8.32 19.45 19.72
CA GLU A 307 -8.41 20.68 20.48
C GLU A 307 -7.35 21.74 20.11
N SER A 308 -6.09 21.35 20.05
CA SER A 308 -5.01 22.28 19.71
C SER A 308 -4.70 22.26 18.21
N LEU A 309 -4.07 23.33 17.72
CA LEU A 309 -3.57 23.38 16.35
C LEU A 309 -2.78 22.13 15.98
N ALA A 310 -1.90 21.70 16.87
CA ALA A 310 -1.04 20.55 16.60
C ALA A 310 -1.84 19.26 16.50
N GLN A 311 -2.88 19.12 17.33
CA GLN A 311 -3.73 17.95 17.31
C GLN A 311 -4.54 17.85 16.01
N ALA A 312 -5.09 18.98 15.58
CA ALA A 312 -5.83 19.05 14.31
C ALA A 312 -4.90 18.82 13.12
N LEU A 313 -3.69 19.35 13.18
CA LEU A 313 -2.70 19.14 12.12
C LEU A 313 -2.30 17.68 12.01
N ARG A 314 -2.25 16.99 13.14
CA ARG A 314 -1.95 15.56 13.13
C ARG A 314 -3.05 14.78 12.38
N VAL A 315 -4.31 15.15 12.58
CA VAL A 315 -5.42 14.49 11.88
C VAL A 315 -5.31 14.72 10.36
N ILE A 316 -5.07 15.96 9.96
CA ILE A 316 -4.82 16.32 8.56
C ILE A 316 -3.68 15.51 7.97
N ASP A 317 -2.59 15.41 8.72
CA ASP A 317 -1.39 14.69 8.27
C ASP A 317 -1.65 13.18 8.14
N ILE A 318 -2.33 12.59 9.12
CA ILE A 318 -2.72 11.17 9.04
C ILE A 318 -3.46 10.92 7.73
N TYR A 319 -4.44 11.78 7.43
CA TYR A 319 -5.25 11.60 6.23
C TYR A 319 -4.46 11.77 4.93
N THR A 320 -3.40 12.57 4.95
CA THR A 320 -2.60 12.73 3.73
C THR A 320 -1.86 11.44 3.39
N HIS A 321 -1.82 10.48 4.31
CA HIS A 321 -1.19 9.19 4.04
C HIS A 321 -2.16 8.12 3.51
N ARG A 322 -3.43 8.49 3.29
CA ARG A 322 -4.41 7.55 2.73
C ARG A 322 -3.93 7.05 1.36
N TRP A 323 -3.19 7.90 0.67
CA TRP A 323 -2.83 7.68 -0.72
C TRP A 323 -1.87 6.51 -0.87
N ARG A 324 -1.26 6.10 0.24
CA ARG A 324 -0.39 4.94 0.24
C ARG A 324 -1.06 3.69 -0.26
N ILE A 325 -2.37 3.53 0.00
CA ILE A 325 -3.02 2.30 -0.42
C ILE A 325 -3.19 2.22 -1.94
N GLU A 326 -3.36 3.37 -2.58
CA GLU A 326 -3.43 3.47 -4.03
C GLU A 326 -2.05 3.14 -4.61
N GLU A 327 -1.02 3.51 -3.87
CA GLU A 327 0.36 3.19 -4.22
C GLU A 327 0.56 1.67 -4.18
N PHE A 328 -0.02 1.03 -3.16
CA PHE A 328 -0.06 -0.43 -3.06
C PHE A 328 -0.80 -1.07 -4.25
N HIS A 329 -1.93 -0.47 -4.62
CA HIS A 329 -2.72 -0.97 -5.74
C HIS A 329 -1.88 -0.96 -7.01
N LYS A 330 -1.18 0.14 -7.26
CA LYS A 330 -0.25 0.24 -8.39
C LYS A 330 0.87 -0.81 -8.30
N ALA A 331 1.39 -1.04 -7.11
CA ALA A 331 2.50 -1.99 -6.93
C ALA A 331 2.02 -3.42 -7.17
N TRP A 332 0.74 -3.65 -6.89
CA TRP A 332 0.10 -4.94 -7.09
C TRP A 332 -0.15 -5.22 -8.57
N LYS A 333 -0.63 -4.21 -9.29
CA LYS A 333 -0.98 -4.36 -10.71
C LYS A 333 0.20 -4.09 -11.64
N THR A 334 0.50 -2.83 -11.92
CA THR A 334 1.68 -2.49 -12.73
C THR A 334 2.95 -3.18 -12.22
N GLY A 335 3.20 -3.09 -10.91
CA GLY A 335 4.42 -3.62 -10.31
C GLY A 335 4.55 -5.13 -10.36
N ALA A 336 3.72 -5.82 -9.57
CA ALA A 336 3.82 -7.27 -9.41
C ALA A 336 3.14 -8.07 -10.53
N GLY A 337 2.28 -7.41 -11.31
CA GLY A 337 1.64 -8.04 -12.45
C GLY A 337 0.34 -8.80 -12.20
N ALA A 338 -0.45 -8.35 -11.23
CA ALA A 338 -1.75 -8.96 -10.91
C ALA A 338 -2.64 -9.16 -12.13
N GLU A 339 -2.64 -8.17 -13.01
CA GLU A 339 -3.52 -8.17 -14.18
C GLU A 339 -2.83 -8.66 -15.44
N ARG A 340 -1.55 -9.06 -15.31
CA ARG A 340 -0.82 -9.69 -16.41
C ARG A 340 -1.00 -11.21 -16.38
N GLN A 341 -1.40 -11.72 -15.22
CA GLN A 341 -1.66 -13.15 -15.06
C GLN A 341 -2.74 -13.65 -16.02
N ARG A 342 -2.55 -14.84 -16.58
CA ARG A 342 -3.51 -15.38 -17.54
C ARG A 342 -4.00 -16.77 -17.19
N MET A 343 -4.10 -17.05 -15.88
CA MET A 343 -4.70 -18.32 -15.43
C MET A 343 -6.11 -18.47 -16.00
N GLU A 344 -6.50 -19.71 -16.24
CA GLU A 344 -7.71 -19.99 -17.02
C GLU A 344 -8.92 -20.41 -16.19
N LYS A 345 -8.77 -20.42 -14.87
CA LYS A 345 -9.87 -20.72 -13.96
C LYS A 345 -9.80 -19.72 -12.82
N PRO A 346 -10.97 -19.29 -12.32
CA PRO A 346 -11.02 -18.27 -11.27
C PRO A 346 -10.13 -18.58 -10.06
N ASP A 347 -10.18 -19.82 -9.56
CA ASP A 347 -9.42 -20.18 -8.35
C ASP A 347 -7.91 -20.15 -8.55
N ASN A 348 -7.47 -20.53 -9.75
CA ASN A 348 -6.05 -20.48 -10.07
C ASN A 348 -5.56 -19.02 -10.06
N LEU A 349 -6.32 -18.16 -10.71
CA LEU A 349 -6.00 -16.74 -10.80
C LEU A 349 -5.97 -16.13 -9.40
N GLU A 350 -6.95 -16.49 -8.58
CA GLU A 350 -7.03 -16.01 -7.22
C GLU A 350 -5.82 -16.41 -6.36
N ARG A 351 -5.40 -17.67 -6.45
CA ARG A 351 -4.26 -18.13 -5.65
C ARG A 351 -2.99 -17.40 -6.07
N MET A 352 -2.78 -17.28 -7.37
CA MET A 352 -1.62 -16.58 -7.91
C MET A 352 -1.62 -15.12 -7.49
N VAL A 353 -2.74 -14.45 -7.73
CA VAL A 353 -2.81 -13.01 -7.51
C VAL A 353 -2.78 -12.67 -5.99
N SER A 354 -3.28 -13.60 -5.17
CA SER A 354 -3.14 -13.47 -3.71
C SER A 354 -1.66 -13.49 -3.25
N ILE A 355 -0.85 -14.37 -3.84
CA ILE A 355 0.58 -14.37 -3.54
C ILE A 355 1.21 -13.05 -3.96
N LEU A 356 0.78 -12.54 -5.12
CA LEU A 356 1.35 -11.31 -5.65
C LEU A 356 1.02 -10.08 -4.80
N SER A 357 -0.07 -10.11 -4.03
CA SER A 357 -0.35 -8.98 -3.14
C SER A 357 0.80 -8.79 -2.14
N PHE A 358 1.43 -9.88 -1.75
CA PHE A 358 2.54 -9.80 -0.82
C PHE A 358 3.83 -9.37 -1.49
N VAL A 359 4.05 -9.84 -2.72
CA VAL A 359 5.16 -9.36 -3.54
C VAL A 359 5.07 -7.84 -3.71
N ALA A 360 3.85 -7.32 -3.91
CA ALA A 360 3.60 -5.89 -4.07
C ALA A 360 4.03 -5.07 -2.85
N VAL A 361 3.61 -5.52 -1.66
CA VAL A 361 4.00 -4.88 -0.41
C VAL A 361 5.53 -4.79 -0.28
N ARG A 362 6.22 -5.87 -0.66
CA ARG A 362 7.68 -5.90 -0.59
C ARG A 362 8.32 -4.85 -1.50
N LEU A 363 7.75 -4.66 -2.70
CA LEU A 363 8.23 -3.62 -3.61
C LEU A 363 8.24 -2.25 -2.96
N LEU A 364 7.16 -1.92 -2.23
CA LEU A 364 7.07 -0.66 -1.50
C LEU A 364 8.09 -0.61 -0.36
N GLN A 365 8.30 -1.74 0.30
CA GLN A 365 9.19 -1.81 1.47
C GLN A 365 10.64 -1.78 1.07
N LEU A 366 10.93 -2.36 -0.08
CA LEU A 366 12.26 -2.31 -0.67
C LEU A 366 12.74 -0.86 -0.75
N ARG A 367 11.94 0.03 -1.32
CA ARG A 367 12.34 1.43 -1.40
C ARG A 367 12.47 2.06 -0.01
N GLU A 368 11.48 1.79 0.85
CA GLU A 368 11.46 2.36 2.18
C GLU A 368 12.70 1.96 3.00
N SER A 369 13.25 0.78 2.72
CA SER A 369 14.42 0.31 3.47
C SER A 369 15.65 1.17 3.20
N PHE A 370 15.58 2.00 2.15
CA PHE A 370 16.68 2.88 1.79
C PHE A 370 16.41 4.36 2.05
N THR A 371 15.26 4.66 2.66
CA THR A 371 14.71 6.02 2.73
C THR A 371 15.50 7.06 3.56
N PRO A 372 15.66 8.30 3.01
CA PRO A 372 16.16 9.46 3.78
C PRO A 372 15.04 10.19 4.54
N VAL A 388 17.10 12.79 9.89
CA VAL A 388 18.04 13.68 10.59
C VAL A 388 19.19 12.87 11.21
N GLU A 389 19.97 12.24 10.35
CA GLU A 389 21.10 11.42 10.80
C GLU A 389 22.23 11.38 9.75
N SER A 390 23.26 10.57 10.03
CA SER A 390 24.35 10.33 9.09
C SER A 390 24.76 8.85 9.10
N GLN A 391 23.84 8.00 8.67
CA GLN A 391 24.04 6.54 8.65
C GLN A 391 25.09 6.12 7.62
N SER A 392 25.60 4.89 7.76
CA SER A 392 26.45 4.32 6.72
C SER A 392 25.69 3.27 5.91
N ALA A 393 26.17 2.99 4.70
CA ALA A 393 25.53 2.04 3.79
C ALA A 393 25.60 0.60 4.28
N GLU A 394 26.62 0.28 5.08
CA GLU A 394 26.83 -1.08 5.58
C GLU A 394 25.72 -1.57 6.51
N THR A 395 24.90 -0.64 6.99
CA THR A 395 23.74 -0.97 7.81
C THR A 395 22.63 -1.59 6.95
N VAL A 396 22.70 -1.37 5.63
CA VAL A 396 21.67 -1.88 4.72
C VAL A 396 22.23 -2.88 3.69
N LEU A 397 23.49 -2.73 3.30
CA LEU A 397 24.09 -3.54 2.23
C LEU A 397 25.16 -4.48 2.75
N THR A 398 25.36 -5.62 2.07
CA THR A 398 26.51 -6.50 2.35
C THR A 398 27.79 -5.82 1.87
N PRO A 399 28.96 -6.22 2.42
CA PRO A 399 30.21 -5.60 1.97
C PRO A 399 30.43 -5.73 0.46
N ASP A 400 30.07 -6.88 -0.12
CA ASP A 400 30.13 -7.07 -1.56
C ASP A 400 29.21 -6.09 -2.32
N GLU A 401 27.96 -5.98 -1.87
CA GLU A 401 26.98 -5.08 -2.49
C GLU A 401 27.48 -3.64 -2.46
N CYS A 402 28.05 -3.27 -1.31
CA CYS A 402 28.55 -1.93 -1.07
C CYS A 402 29.73 -1.63 -2.00
N GLN A 403 30.65 -2.58 -2.12
CA GLN A 403 31.80 -2.45 -2.99
C GLN A 403 31.41 -2.38 -4.47
N LEU A 404 30.57 -3.31 -4.92
CA LEU A 404 30.12 -3.29 -6.32
C LEU A 404 29.39 -1.99 -6.67
N LEU A 405 28.47 -1.58 -5.81
CA LEU A 405 27.71 -0.33 -6.02
C LEU A 405 28.65 0.88 -6.11
N GLY A 406 29.65 0.94 -5.23
CA GLY A 406 30.64 2.00 -5.27
C GLY A 406 31.40 2.02 -6.59
N TYR A 407 31.71 0.83 -7.11
CA TYR A 407 32.33 0.68 -8.41
C TYR A 407 31.42 1.19 -9.53
N LEU A 408 30.13 0.84 -9.45
CA LEU A 408 29.17 1.19 -10.49
C LEU A 408 28.84 2.68 -10.53
N ASP A 409 28.78 3.29 -9.34
CA ASP A 409 28.36 4.68 -9.20
C ASP A 409 29.51 5.68 -9.34
N LYS A 410 30.73 5.16 -9.52
CA LYS A 410 31.93 5.97 -9.61
C LYS A 410 31.71 7.15 -10.57
N GLY A 411 31.93 8.36 -10.05
CA GLY A 411 31.78 9.59 -10.82
C GLY A 411 30.38 10.18 -10.85
N LYS A 412 29.42 9.50 -10.23
CA LYS A 412 28.02 9.93 -10.29
C LYS A 412 27.50 10.51 -8.98
N ARG A 413 28.28 10.37 -7.91
CA ARG A 413 27.85 10.86 -6.59
C ARG A 413 27.66 12.37 -6.60
N LYS A 414 26.48 12.82 -6.20
CA LYS A 414 26.22 14.27 -6.08
C LYS A 414 26.93 14.84 -4.87
N ARG A 415 27.23 16.13 -4.94
CA ARG A 415 27.96 16.82 -3.88
C ARG A 415 27.32 16.64 -2.50
N LYS A 416 25.99 16.69 -2.45
CA LYS A 416 25.24 16.59 -1.20
C LYS A 416 25.15 15.17 -0.59
N GLU A 417 25.75 14.17 -1.24
CA GLU A 417 25.75 12.79 -0.71
C GLU A 417 27.06 12.46 0.02
N LYS A 418 26.96 12.11 1.30
CA LYS A 418 28.12 11.66 2.06
C LYS A 418 28.65 10.35 1.47
N ALA A 419 29.97 10.26 1.30
CA ALA A 419 30.64 9.23 0.50
C ALA A 419 30.11 7.80 0.57
N GLY A 420 30.01 7.24 1.77
CA GLY A 420 29.53 5.86 1.88
C GLY A 420 28.25 5.74 2.68
N SER A 421 27.41 6.77 2.59
CA SER A 421 26.23 6.84 3.44
C SER A 421 25.01 6.08 2.89
N LEU A 422 23.97 6.01 3.72
CA LEU A 422 22.69 5.45 3.34
C LEU A 422 22.06 6.27 2.21
N GLN A 423 22.13 7.60 2.35
CA GLN A 423 21.59 8.48 1.34
C GLN A 423 22.30 8.24 0.01
N TRP A 424 23.63 8.10 0.05
CA TRP A 424 24.37 7.76 -1.14
C TRP A 424 23.86 6.43 -1.74
N ALA A 425 23.70 5.42 -0.90
CA ALA A 425 23.26 4.09 -1.38
C ALA A 425 21.90 4.18 -2.07
N TYR A 426 20.94 4.87 -1.44
CA TYR A 426 19.65 5.18 -2.03
C TYR A 426 19.83 5.78 -3.42
N MET A 427 20.55 6.90 -3.49
CA MET A 427 20.73 7.62 -4.76
C MET A 427 21.42 6.76 -5.82
N ALA A 428 22.41 5.98 -5.40
CA ALA A 428 23.18 5.17 -6.33
C ALA A 428 22.37 4.00 -6.90
N ILE A 429 21.55 3.37 -6.07
CA ILE A 429 20.67 2.29 -6.54
C ILE A 429 19.60 2.89 -7.46
N ALA A 430 19.09 4.07 -7.09
CA ALA A 430 18.12 4.78 -7.89
C ALA A 430 18.70 5.16 -9.27
N ARG A 431 19.95 5.61 -9.29
CA ARG A 431 20.66 5.89 -10.55
C ARG A 431 20.81 4.64 -11.43
N LEU A 432 21.13 3.50 -10.83
CA LEU A 432 21.12 2.23 -11.57
C LEU A 432 19.75 1.93 -12.17
N GLY A 433 18.69 2.41 -11.52
CA GLY A 433 17.33 2.19 -12.00
C GLY A 433 16.84 3.22 -13.03
N GLY A 434 17.74 4.12 -13.42
CA GLY A 434 17.42 5.12 -14.42
C GLY A 434 16.94 6.46 -13.89
N PHE A 435 16.96 6.65 -12.58
CA PHE A 435 16.47 7.89 -11.95
C PHE A 435 17.33 9.08 -12.35
N MET A 436 16.67 10.10 -12.92
CA MET A 436 17.35 11.33 -13.35
C MET A 436 16.72 12.58 -12.75
N ASP A 437 15.81 12.42 -11.79
CA ASP A 437 15.35 13.52 -10.95
C ASP A 437 14.76 14.68 -11.78
N SER A 438 13.87 14.35 -12.72
CA SER A 438 13.31 15.34 -13.65
C SER A 438 12.63 16.52 -12.97
N LYS A 439 12.06 16.32 -11.78
CA LYS A 439 11.44 17.45 -11.06
C LYS A 439 12.29 17.98 -9.90
N ARG A 440 13.54 17.52 -9.80
CA ARG A 440 14.48 17.97 -8.76
C ARG A 440 13.91 17.88 -7.33
N THR A 441 13.18 16.80 -7.02
CA THR A 441 12.69 16.59 -5.66
C THR A 441 13.60 15.70 -4.83
N GLY A 442 14.44 14.93 -5.50
CA GLY A 442 15.30 13.97 -4.85
C GLY A 442 14.64 12.63 -4.58
N ILE A 443 13.36 12.50 -4.93
CA ILE A 443 12.62 11.28 -4.65
C ILE A 443 12.40 10.40 -5.88
N ALA A 444 12.97 9.21 -5.83
CA ALA A 444 12.81 8.22 -6.89
C ALA A 444 11.61 7.31 -6.60
N SER A 445 10.92 6.89 -7.65
CA SER A 445 9.74 6.01 -7.50
C SER A 445 10.17 4.63 -7.01
N TRP A 446 9.25 3.89 -6.39
CA TRP A 446 9.54 2.51 -6.02
C TRP A 446 9.92 1.65 -7.23
N GLY A 447 9.36 1.98 -8.39
CA GLY A 447 9.73 1.30 -9.65
C GLY A 447 11.19 1.50 -10.04
N ALA A 448 11.67 2.75 -9.95
CA ALA A 448 13.09 3.04 -10.22
C ALA A 448 14.03 2.38 -9.21
N LEU A 449 13.66 2.40 -7.93
CA LEU A 449 14.45 1.71 -6.90
C LEU A 449 14.46 0.20 -7.13
N TRP A 450 13.32 -0.38 -7.51
CA TRP A 450 13.27 -1.81 -7.80
C TRP A 450 14.21 -2.17 -8.96
N GLU A 451 14.10 -1.43 -10.06
CA GLU A 451 14.97 -1.60 -11.24
C GLU A 451 16.46 -1.52 -10.89
N GLY A 452 16.82 -0.53 -10.08
CA GLY A 452 18.18 -0.40 -9.61
C GLY A 452 18.62 -1.56 -8.75
N TRP A 453 17.75 -1.97 -7.82
CA TRP A 453 18.06 -3.08 -6.93
C TRP A 453 18.24 -4.36 -7.73
N GLU A 454 17.37 -4.57 -8.69
CA GLU A 454 17.44 -5.75 -9.55
C GLU A 454 18.74 -5.75 -10.36
N ALA A 455 19.12 -4.56 -10.84
CA ALA A 455 20.36 -4.40 -11.61
C ALA A 455 21.59 -4.63 -10.75
N LEU A 456 21.54 -4.18 -9.50
CA LEU A 456 22.66 -4.40 -8.59
C LEU A 456 22.81 -5.88 -8.28
N GLN A 457 21.69 -6.51 -7.94
CA GLN A 457 21.67 -7.95 -7.64
C GLN A 457 22.15 -8.78 -8.84
N SER A 458 21.66 -8.42 -10.02
CA SER A 458 22.04 -9.14 -11.22
C SER A 458 23.55 -9.02 -11.48
N LYS A 459 24.07 -7.79 -11.35
CA LYS A 459 25.50 -7.55 -11.49
C LYS A 459 26.28 -8.23 -10.38
N LEU A 460 25.65 -8.38 -9.22
CA LEU A 460 26.29 -9.06 -8.09
C LEU A 460 26.57 -10.53 -8.40
N ASP A 461 25.70 -11.17 -9.19
CA ASP A 461 25.93 -12.55 -9.63
C ASP A 461 27.26 -12.68 -10.37
N GLY A 462 27.53 -11.74 -11.28
CA GLY A 462 28.80 -11.73 -11.99
C GLY A 462 29.98 -11.45 -11.09
N PHE A 463 29.80 -10.46 -10.20
CA PHE A 463 30.80 -10.08 -9.20
C PHE A 463 31.23 -11.29 -8.37
N LEU A 464 30.24 -11.99 -7.81
CA LEU A 464 30.46 -13.17 -6.98
C LEU A 464 30.97 -14.39 -7.75
N ALA A 465 30.56 -14.53 -9.01
CA ALA A 465 31.05 -15.62 -9.83
C ALA A 465 32.54 -15.48 -10.02
N ALA A 466 32.99 -14.26 -10.31
CA ALA A 466 34.41 -13.95 -10.41
C ALA A 466 35.13 -14.21 -9.09
N LYS A 467 34.54 -13.78 -7.98
CA LYS A 467 35.10 -13.99 -6.65
C LYS A 467 35.26 -15.48 -6.34
N ASP A 468 34.27 -16.28 -6.71
CA ASP A 468 34.26 -17.72 -6.50
C ASP A 468 35.34 -18.42 -7.32
N LEU A 469 35.40 -18.09 -8.61
CA LEU A 469 36.41 -18.68 -9.50
C LEU A 469 37.83 -18.32 -9.05
N MET A 470 38.03 -17.08 -8.63
CA MET A 470 39.34 -16.63 -8.16
C MET A 470 39.72 -17.25 -6.82
N ALA A 471 38.71 -17.60 -6.01
CA ALA A 471 38.94 -18.31 -4.76
C ALA A 471 39.37 -19.75 -5.03
N GLN A 472 38.86 -20.31 -6.12
CA GLN A 472 39.25 -21.65 -6.59
C GLN A 472 40.60 -21.63 -7.32
N GLY A 473 41.18 -20.44 -7.45
CA GLY A 473 42.49 -20.26 -8.10
C GLY A 473 42.48 -20.29 -9.62
N ILE A 474 41.30 -20.08 -10.22
CA ILE A 474 41.10 -20.19 -11.67
C ILE A 474 41.30 -18.85 -12.38
N LYS A 475 42.04 -18.88 -13.49
CA LYS A 475 42.30 -17.70 -14.30
C LYS A 475 41.00 -17.15 -14.91
N ILE A 476 40.76 -15.85 -14.71
CA ILE A 476 39.58 -15.17 -15.21
C ILE A 476 39.82 -14.62 -16.61
N GLY A 477 39.06 -15.14 -17.59
CA GLY A 477 39.20 -14.75 -19.00
C GLY A 477 40.54 -15.14 -19.62
MN MN D . -9.23 4.50 -4.07
MN MN E . -11.91 4.72 -2.80
MN MN F . -4.27 -2.21 24.15
C1 EDO G . 13.81 -21.23 -8.24
O1 EDO G . 14.67 -22.22 -8.81
C2 EDO G . 14.34 -19.82 -8.54
O2 EDO G . 14.07 -18.87 -7.49
#